data_7AE2
#
_entry.id   7AE2
#
_cell.length_a   72.709
_cell.length_b   85.989
_cell.length_c   100.105
_cell.angle_alpha   90.000
_cell.angle_beta   90.000
_cell.angle_gamma   90.000
#
_symmetry.space_group_name_H-M   'C 2 2 21'
#
loop_
_entity.id
_entity.type
_entity.pdbx_description
1 polymer 'HEPN toxin'
2 polymer 'MNT ANTITOXIN'
3 water water
#
loop_
_entity_poly.entity_id
_entity_poly.type
_entity_poly.pdbx_seq_one_letter_code
_entity_poly.pdbx_strand_id
1 'polypeptide(L)'
;MTNIEPVIIETRLELIGRYLDHLKKFENISLDDYLSSFEQQLITERLLQLITQAAIDINDHILSKLKSGKSYTNFEAFIE
LGKYQILTPELAKQIAPSSGLRNRLVAEFDDIDPNQVFMAISFALQQYPLYVRQINSYLITLEEENDLESGHHHHHH
;
A
2 'polypeptide(L)'
;MQDKIPTIAELRELSLRLLTKIPYLKMLVLFGSRATGNINANSDWDFAVLYDEEKYNLYIQNNPLAAFVIPGILGEIFKI
NSDKIDIVELNHCSKLIAHFVARDGKVLYEEPGDEFDKFQQRVLLSNTEIKKIEKTKLENIENFLQRWGV
;
B
#
# COMPACT_ATOMS: atom_id res chain seq x y z
N ASN A 3 2.30 -16.67 9.45
CA ASN A 3 1.41 -15.52 9.65
C ASN A 3 1.43 -14.60 8.44
N ILE A 4 2.48 -14.73 7.62
CA ILE A 4 2.61 -13.92 6.42
C ILE A 4 1.55 -14.33 5.39
N GLU A 5 0.89 -13.34 4.79
CA GLU A 5 -0.07 -13.59 3.72
C GLU A 5 0.65 -13.43 2.37
N PRO A 6 0.96 -14.54 1.70
CA PRO A 6 1.67 -14.44 0.41
C PRO A 6 0.89 -13.69 -0.66
N VAL A 7 -0.45 -13.82 -0.67
CA VAL A 7 -1.23 -13.18 -1.73
C VAL A 7 -1.15 -11.66 -1.63
N ILE A 8 -0.97 -11.12 -0.42
CA ILE A 8 -0.80 -9.68 -0.27
C ILE A 8 0.55 -9.24 -0.81
N ILE A 9 1.61 -10.00 -0.50
CA ILE A 9 2.94 -9.67 -1.00
C ILE A 9 3.00 -9.85 -2.52
N GLU A 10 2.36 -10.90 -3.03
CA GLU A 10 2.38 -11.14 -4.47
C GLU A 10 1.69 -10.01 -5.24
N THR A 11 0.62 -9.45 -4.66
CA THR A 11 -0.05 -8.31 -5.28
C THR A 11 0.91 -7.13 -5.42
N ARG A 12 1.71 -6.85 -4.38
CA ARG A 12 2.62 -5.72 -4.44
C ARG A 12 3.80 -6.00 -5.37
N LEU A 13 4.31 -7.24 -5.38
CA LEU A 13 5.36 -7.59 -6.32
C LEU A 13 4.87 -7.46 -7.76
N GLU A 14 3.62 -7.83 -8.00
CA GLU A 14 3.04 -7.67 -9.33
C GLU A 14 2.99 -6.20 -9.74
N LEU A 15 2.66 -5.32 -8.80
CA LEU A 15 2.62 -3.89 -9.09
C LEU A 15 4.01 -3.35 -9.38
N ILE A 16 5.01 -3.79 -8.61
CA ILE A 16 6.40 -3.35 -8.84
C ILE A 16 6.82 -3.72 -10.25
N GLY A 17 6.47 -4.92 -10.70
CA GLY A 17 6.81 -5.34 -12.06
C GLY A 17 6.17 -4.47 -13.11
N ARG A 18 4.91 -4.06 -12.88
N ARG A 18 4.91 -4.06 -12.88
CA ARG A 18 4.21 -3.20 -13.83
CA ARG A 18 4.21 -3.20 -13.83
C ARG A 18 4.83 -1.80 -13.85
C ARG A 18 4.82 -1.81 -13.85
N TYR A 19 5.19 -1.28 -12.68
CA TYR A 19 5.83 0.03 -12.62
C TYR A 19 7.19 0.01 -13.31
N LEU A 20 7.94 -1.08 -13.14
CA LEU A 20 9.25 -1.19 -13.76
C LEU A 20 9.15 -1.28 -15.28
N ASP A 21 8.11 -1.97 -15.77
CA ASP A 21 7.91 -2.02 -17.22
C ASP A 21 7.67 -0.64 -17.80
N HIS A 22 6.96 0.22 -17.07
CA HIS A 22 6.76 1.58 -17.53
C HIS A 22 8.02 2.42 -17.37
N LEU A 23 8.76 2.20 -16.28
CA LEU A 23 10.00 2.95 -16.06
C LEU A 23 11.07 2.58 -17.09
N LYS A 24 11.04 1.34 -17.58
CA LYS A 24 12.01 0.88 -18.57
C LYS A 24 11.94 1.69 -19.85
N LYS A 25 10.78 2.31 -20.13
CA LYS A 25 10.67 3.11 -21.35
C LYS A 25 11.58 4.33 -21.32
N PHE A 26 12.11 4.69 -20.14
CA PHE A 26 12.98 5.84 -19.98
C PHE A 26 14.44 5.46 -19.81
N GLU A 27 14.81 4.19 -20.07
CA GLU A 27 16.15 3.74 -19.75
C GLU A 27 17.21 4.31 -20.68
N ASN A 28 16.84 4.77 -21.88
CA ASN A 28 17.80 5.24 -22.86
C ASN A 28 17.69 6.74 -23.12
N ILE A 29 17.00 7.47 -22.25
CA ILE A 29 16.88 8.91 -22.40
C ILE A 29 18.13 9.57 -21.84
N SER A 30 18.71 10.47 -22.63
CA SER A 30 19.90 11.18 -22.18
C SER A 30 19.55 12.15 -21.06
N LEU A 31 20.58 12.58 -20.33
CA LEU A 31 20.36 13.54 -19.26
C LEU A 31 19.82 14.87 -19.79
N ASP A 32 20.29 15.28 -20.97
CA ASP A 32 19.86 16.56 -21.53
C ASP A 32 18.38 16.53 -21.89
N ASP A 33 17.95 15.49 -22.61
CA ASP A 33 16.54 15.37 -22.97
C ASP A 33 15.65 15.20 -21.75
N TYR A 34 16.16 14.55 -20.70
CA TYR A 34 15.39 14.37 -19.48
C TYR A 34 15.21 15.70 -18.74
N LEU A 35 16.26 16.52 -18.68
CA LEU A 35 16.17 17.78 -17.97
C LEU A 35 15.28 18.78 -18.69
N SER A 36 15.14 18.64 -20.01
CA SER A 36 14.31 19.57 -20.78
C SER A 36 12.83 19.20 -20.74
N SER A 37 12.49 18.00 -20.29
CA SER A 37 11.10 17.52 -20.28
C SER A 37 10.62 17.45 -18.84
N PHE A 38 9.79 18.41 -18.45
CA PHE A 38 9.17 18.36 -17.12
C PHE A 38 8.17 17.21 -17.03
N GLU A 39 7.53 16.86 -18.14
CA GLU A 39 6.57 15.77 -18.14
C GLU A 39 7.25 14.44 -17.84
N GLN A 40 8.37 14.16 -18.50
CA GLN A 40 9.07 12.91 -18.26
C GLN A 40 9.63 12.83 -16.84
N GLN A 41 9.95 13.99 -16.24
CA GLN A 41 10.39 13.99 -14.85
C GLN A 41 9.25 13.61 -13.91
N LEU A 42 8.04 14.12 -14.17
CA LEU A 42 6.91 13.81 -13.31
C LEU A 42 6.54 12.34 -13.39
N ILE A 43 6.62 11.74 -14.57
CA ILE A 43 6.29 10.31 -14.72
C ILE A 43 7.29 9.46 -13.95
N THR A 44 8.58 9.75 -14.12
CA THR A 44 9.60 8.92 -13.47
C THR A 44 9.59 9.11 -11.96
N GLU A 45 9.31 10.33 -11.49
CA GLU A 45 9.21 10.59 -10.06
C GLU A 45 8.06 9.82 -9.44
N ARG A 46 6.89 9.84 -10.09
CA ARG A 46 5.75 9.09 -9.58
C ARG A 46 6.00 7.59 -9.63
N LEU A 47 6.64 7.11 -10.71
CA LEU A 47 6.93 5.68 -10.80
C LEU A 47 7.91 5.25 -9.70
N LEU A 48 8.98 6.03 -9.51
CA LEU A 48 9.95 5.69 -8.47
C LEU A 48 9.33 5.74 -7.08
N GLN A 49 8.36 6.64 -6.87
CA GLN A 49 7.69 6.71 -5.57
C GLN A 49 6.82 5.48 -5.33
N LEU A 50 6.10 5.04 -6.36
CA LEU A 50 5.23 3.87 -6.21
C LEU A 50 6.05 2.59 -6.05
N ILE A 51 7.20 2.50 -6.71
CA ILE A 51 8.05 1.32 -6.58
C ILE A 51 8.59 1.21 -5.16
N THR A 52 9.15 2.30 -4.63
CA THR A 52 9.74 2.25 -3.30
C THR A 52 8.68 2.04 -2.23
N GLN A 53 7.50 2.66 -2.38
CA GLN A 53 6.45 2.48 -1.39
C GLN A 53 5.91 1.06 -1.38
N ALA A 54 5.81 0.42 -2.55
CA ALA A 54 5.37 -0.96 -2.60
C ALA A 54 6.37 -1.88 -1.90
N ALA A 55 7.67 -1.61 -2.06
CA ALA A 55 8.68 -2.40 -1.37
C ALA A 55 8.62 -2.17 0.14
N ILE A 56 8.44 -0.93 0.56
CA ILE A 56 8.27 -0.63 1.98
C ILE A 56 7.04 -1.34 2.54
N ASP A 57 5.98 -1.44 1.74
N ASP A 57 5.97 -1.41 1.76
CA ASP A 57 4.79 -2.17 2.19
CA ASP A 57 4.80 -2.18 2.17
C ASP A 57 5.09 -3.66 2.35
C ASP A 57 5.16 -3.63 2.39
N ILE A 58 5.88 -4.23 1.45
CA ILE A 58 6.25 -5.64 1.55
C ILE A 58 7.15 -5.86 2.76
N ASN A 59 8.15 -5.00 2.94
CA ASN A 59 9.10 -5.19 4.03
C ASN A 59 8.41 -5.12 5.39
N ASP A 60 7.49 -4.18 5.56
CA ASP A 60 6.77 -4.07 6.82
C ASP A 60 5.87 -5.28 7.08
N HIS A 61 5.28 -5.84 6.01
CA HIS A 61 4.43 -7.01 6.20
C HIS A 61 5.25 -8.23 6.62
N ILE A 62 6.42 -8.40 6.02
CA ILE A 62 7.28 -9.52 6.38
C ILE A 62 7.80 -9.36 7.81
N LEU A 63 8.24 -8.15 8.17
CA LEU A 63 8.83 -7.94 9.49
C LEU A 63 7.78 -7.96 10.59
N SER A 64 6.52 -7.63 10.27
CA SER A 64 5.47 -7.68 11.27
C SER A 64 5.12 -9.10 11.68
N LYS A 65 5.51 -10.09 10.89
CA LYS A 65 5.29 -11.49 11.24
C LYS A 65 6.54 -12.19 11.73
N LEU A 66 7.73 -11.70 11.36
CA LEU A 66 8.97 -12.22 11.89
C LEU A 66 9.40 -11.53 13.19
N LYS A 67 9.05 -10.26 13.35
CA LYS A 67 9.34 -9.49 14.56
C LYS A 67 8.08 -8.71 14.94
N SER A 68 7.10 -9.43 15.49
CA SER A 68 5.84 -8.81 15.87
C SER A 68 6.06 -7.79 16.98
N GLY A 69 5.43 -6.63 16.84
CA GLY A 69 5.57 -5.54 17.79
C GLY A 69 6.80 -4.69 17.61
N LYS A 70 7.83 -5.21 16.97
CA LYS A 70 9.05 -4.43 16.72
C LYS A 70 8.83 -3.41 15.62
N SER A 71 9.39 -2.21 15.83
CA SER A 71 9.28 -1.12 14.87
C SER A 71 10.58 -0.95 14.12
N TYR A 72 10.47 -0.68 12.81
CA TYR A 72 11.64 -0.50 11.96
C TYR A 72 11.42 0.70 11.05
N THR A 73 12.44 1.55 10.94
CA THR A 73 12.42 2.57 9.91
C THR A 73 12.52 1.90 8.54
N ASN A 74 12.12 2.64 7.50
CA ASN A 74 12.15 2.09 6.16
C ASN A 74 13.58 1.72 5.75
N PHE A 75 14.56 2.50 6.19
CA PHE A 75 15.95 2.17 5.88
C PHE A 75 16.40 0.91 6.62
N GLU A 76 16.14 0.85 7.93
CA GLU A 76 16.52 -0.32 8.71
C GLU A 76 15.72 -1.55 8.35
N ALA A 77 14.55 -1.39 7.71
CA ALA A 77 13.76 -2.55 7.31
C ALA A 77 14.47 -3.34 6.21
N PHE A 78 15.03 -2.63 5.22
CA PHE A 78 15.83 -3.31 4.20
C PHE A 78 17.02 -4.02 4.80
N ILE A 79 17.68 -3.38 5.78
CA ILE A 79 18.87 -3.98 6.39
C ILE A 79 18.48 -5.21 7.19
N GLU A 80 17.31 -5.18 7.85
CA GLU A 80 16.88 -6.32 8.64
C GLU A 80 16.60 -7.53 7.76
N LEU A 81 16.03 -7.30 6.57
CA LEU A 81 15.81 -8.41 5.64
C LEU A 81 17.13 -9.02 5.17
N GLY A 82 18.19 -8.21 5.10
CA GLY A 82 19.49 -8.75 4.75
C GLY A 82 20.11 -9.61 5.84
N LYS A 83 19.84 -9.26 7.10
CA LYS A 83 20.35 -10.07 8.21
C LYS A 83 19.77 -11.48 8.20
N TYR A 84 18.48 -11.59 7.87
CA TYR A 84 17.78 -12.88 7.86
C TYR A 84 17.87 -13.58 6.51
N GLN A 85 18.67 -13.06 5.58
CA GLN A 85 18.91 -13.64 4.26
C GLN A 85 17.65 -13.69 3.40
N ILE A 86 16.58 -12.98 3.78
CA ILE A 86 15.44 -12.83 2.89
C ILE A 86 15.86 -12.06 1.65
N LEU A 87 16.58 -10.96 1.84
CA LEU A 87 17.39 -10.35 0.80
C LEU A 87 18.85 -10.68 1.07
N THR A 88 19.65 -10.78 0.01
CA THR A 88 21.07 -10.92 0.20
C THR A 88 21.61 -9.66 0.86
N PRO A 89 22.62 -9.79 1.73
CA PRO A 89 23.20 -8.59 2.36
C PRO A 89 23.71 -7.58 1.34
N GLU A 90 24.19 -8.04 0.18
CA GLU A 90 24.66 -7.14 -0.85
C GLU A 90 23.52 -6.31 -1.43
N LEU A 91 22.41 -6.98 -1.78
CA LEU A 91 21.27 -6.24 -2.33
C LEU A 91 20.66 -5.33 -1.28
N ALA A 92 20.57 -5.78 -0.02
CA ALA A 92 19.97 -4.97 1.03
C ALA A 92 20.74 -3.67 1.23
N LYS A 93 22.07 -3.72 1.18
CA LYS A 93 22.86 -2.51 1.36
C LYS A 93 22.72 -1.59 0.15
N GLN A 94 22.71 -2.16 -1.06
CA GLN A 94 22.61 -1.33 -2.25
C GLN A 94 21.24 -0.72 -2.42
N ILE A 95 20.18 -1.41 -1.98
CA ILE A 95 18.83 -0.91 -2.22
C ILE A 95 18.27 -0.12 -1.04
N ALA A 96 18.92 -0.17 0.12
CA ALA A 96 18.47 0.57 1.29
C ALA A 96 18.32 2.08 1.08
N PRO A 97 19.18 2.75 0.31
CA PRO A 97 18.97 4.19 0.06
C PRO A 97 17.69 4.52 -0.68
N SER A 98 16.93 3.53 -1.16
CA SER A 98 15.63 3.81 -1.76
C SER A 98 14.66 4.41 -0.76
N SER A 99 14.89 4.19 0.54
CA SER A 99 14.05 4.83 1.55
C SER A 99 14.27 6.34 1.54
N GLY A 100 15.53 6.78 1.41
CA GLY A 100 15.81 8.20 1.26
C GLY A 100 15.24 8.77 -0.02
N LEU A 101 15.23 7.99 -1.09
CA LEU A 101 14.58 8.42 -2.33
C LEU A 101 13.08 8.58 -2.13
N ARG A 102 12.47 7.66 -1.38
CA ARG A 102 11.04 7.75 -1.10
C ARG A 102 10.71 9.05 -0.37
N ASN A 103 11.45 9.34 0.70
CA ASN A 103 11.16 10.53 1.50
C ASN A 103 11.37 11.80 0.68
N ARG A 104 12.41 11.83 -0.16
CA ARG A 104 12.66 13.00 -0.99
C ARG A 104 11.52 13.24 -1.98
N LEU A 105 10.89 12.16 -2.46
CA LEU A 105 9.79 12.27 -3.41
C LEU A 105 8.48 12.69 -2.75
N VAL A 106 8.35 12.50 -1.44
CA VAL A 106 7.14 12.84 -0.71
C VAL A 106 7.39 13.91 0.35
N ALA A 107 8.60 14.45 0.39
CA ALA A 107 8.94 15.47 1.37
C ALA A 107 8.05 16.71 1.20
N GLU A 108 7.66 17.31 2.32
CA GLU A 108 6.86 18.52 2.26
C GLU A 108 7.60 19.63 1.51
N PHE A 109 8.90 19.77 1.77
CA PHE A 109 9.70 20.79 1.12
C PHE A 109 9.78 20.58 -0.39
N ASP A 110 9.59 19.35 -0.87
CA ASP A 110 9.64 19.01 -2.29
C ASP A 110 11.01 19.43 -2.81
N ASP A 111 11.11 20.18 -3.91
CA ASP A 111 12.38 20.73 -4.40
C ASP A 111 13.41 19.63 -4.66
N ILE A 112 12.96 18.56 -5.33
CA ILE A 112 13.85 17.44 -5.62
C ILE A 112 14.71 17.77 -6.84
N ASP A 113 15.92 17.23 -6.86
CA ASP A 113 16.87 17.51 -7.94
C ASP A 113 16.65 16.52 -9.08
N PRO A 114 16.28 16.98 -10.27
CA PRO A 114 16.08 16.04 -11.39
C PRO A 114 17.34 15.30 -11.80
N ASN A 115 18.52 15.87 -11.56
CA ASN A 115 19.75 15.14 -11.85
C ASN A 115 19.90 13.91 -10.96
N GLN A 116 19.48 14.03 -9.69
CA GLN A 116 19.55 12.87 -8.80
C GLN A 116 18.47 11.86 -9.14
N VAL A 117 17.29 12.33 -9.57
CA VAL A 117 16.24 11.42 -10.00
C VAL A 117 16.69 10.65 -11.25
N PHE A 118 17.46 11.32 -12.12
CA PHE A 118 17.97 10.64 -13.31
C PHE A 118 18.84 9.44 -12.93
N MET A 119 19.69 9.61 -11.92
N MET A 119 19.70 9.61 -11.92
CA MET A 119 20.51 8.48 -11.47
CA MET A 119 20.51 8.49 -11.45
C MET A 119 19.66 7.41 -10.80
C MET A 119 19.65 7.41 -10.82
N ALA A 120 18.55 7.80 -10.18
CA ALA A 120 17.69 6.82 -9.53
C ALA A 120 16.97 5.94 -10.53
N ILE A 121 16.75 6.45 -11.76
CA ILE A 121 16.11 5.64 -12.79
C ILE A 121 16.97 4.42 -13.10
N SER A 122 18.27 4.64 -13.33
CA SER A 122 19.17 3.53 -13.64
C SER A 122 19.35 2.62 -12.43
N PHE A 123 19.33 3.19 -11.22
CA PHE A 123 19.42 2.39 -10.02
C PHE A 123 18.23 1.45 -9.88
N ALA A 124 17.02 1.99 -10.05
CA ALA A 124 15.83 1.16 -9.85
C ALA A 124 15.72 0.07 -10.91
N LEU A 125 16.09 0.38 -12.16
CA LEU A 125 15.97 -0.60 -13.22
C LEU A 125 16.92 -1.78 -13.04
N GLN A 126 17.97 -1.61 -12.24
CA GLN A 126 18.95 -2.64 -11.98
C GLN A 126 18.72 -3.39 -10.67
N GLN A 127 18.28 -2.69 -9.63
N GLN A 127 18.27 -2.69 -9.63
CA GLN A 127 18.23 -3.31 -8.31
CA GLN A 127 18.23 -3.31 -8.31
C GLN A 127 16.85 -3.88 -7.98
C GLN A 127 16.84 -3.87 -7.97
N TYR A 128 15.77 -3.20 -8.39
CA TYR A 128 14.43 -3.66 -8.02
C TYR A 128 13.99 -4.93 -8.75
N PRO A 129 14.44 -5.20 -9.98
CA PRO A 129 14.22 -6.56 -10.52
C PRO A 129 14.83 -7.64 -9.64
N LEU A 130 16.00 -7.39 -9.07
CA LEU A 130 16.60 -8.36 -8.14
C LEU A 130 15.78 -8.47 -6.86
N TYR A 131 15.20 -7.35 -6.41
CA TYR A 131 14.32 -7.38 -5.25
C TYR A 131 13.11 -8.27 -5.50
N VAL A 132 12.51 -8.16 -6.68
CA VAL A 132 11.35 -8.99 -7.01
C VAL A 132 11.74 -10.47 -7.02
N ARG A 133 12.91 -10.80 -7.57
CA ARG A 133 13.35 -12.18 -7.61
C ARG A 133 13.54 -12.74 -6.21
N GLN A 134 14.17 -11.98 -5.32
CA GLN A 134 14.51 -12.51 -4.01
C GLN A 134 13.27 -12.61 -3.10
N ILE A 135 12.34 -11.67 -3.20
CA ILE A 135 11.09 -11.82 -2.46
C ILE A 135 10.28 -12.98 -3.01
N ASN A 136 10.30 -13.16 -4.33
CA ASN A 136 9.60 -14.29 -4.93
C ASN A 136 10.17 -15.62 -4.45
N SER A 137 11.49 -15.72 -4.33
CA SER A 137 12.09 -16.94 -3.80
C SER A 137 11.72 -17.16 -2.34
N TYR A 138 11.59 -16.09 -1.57
CA TYR A 138 11.17 -16.22 -0.17
C TYR A 138 9.76 -16.77 -0.07
N LEU A 139 8.86 -16.33 -0.96
CA LEU A 139 7.49 -16.83 -0.93
C LEU A 139 7.43 -18.31 -1.34
N ILE A 140 8.28 -18.71 -2.29
CA ILE A 140 8.31 -20.11 -2.71
C ILE A 140 8.85 -20.98 -1.58
N THR A 141 9.87 -20.49 -0.86
CA THR A 141 10.39 -21.23 0.29
C THR A 141 9.33 -21.38 1.38
N LEU A 142 8.47 -20.39 1.57
CA LEU A 142 7.38 -20.46 2.53
C LEU A 142 6.31 -21.48 2.17
N GLU A 143 6.44 -22.14 1.01
CA GLU A 143 5.44 -23.10 0.54
C GLU A 143 4.07 -22.45 0.38
N LYS B 4 -3.82 10.85 24.04
CA LYS B 4 -3.27 9.53 23.76
C LYS B 4 -3.99 8.87 22.59
N ILE B 5 -3.76 7.58 22.39
CA ILE B 5 -4.40 6.82 21.32
C ILE B 5 -5.71 6.24 21.83
N PRO B 6 -6.81 6.43 21.11
CA PRO B 6 -8.10 5.90 21.59
C PRO B 6 -8.23 4.40 21.36
N THR B 7 -8.95 3.75 22.27
CA THR B 7 -9.20 2.32 22.17
C THR B 7 -10.37 2.06 21.22
N ILE B 8 -10.56 0.78 20.88
CA ILE B 8 -11.64 0.41 19.98
C ILE B 8 -13.00 0.68 20.62
N ALA B 9 -13.07 0.66 21.95
CA ALA B 9 -14.33 0.90 22.63
C ALA B 9 -14.79 2.34 22.43
N GLU B 10 -13.91 3.32 22.68
CA GLU B 10 -14.31 4.71 22.50
C GLU B 10 -14.42 5.06 21.03
N LEU B 11 -13.71 4.35 20.15
CA LEU B 11 -13.93 4.54 18.72
C LEU B 11 -15.35 4.15 18.33
N ARG B 12 -15.89 3.09 18.94
CA ARG B 12 -17.25 2.68 18.64
C ARG B 12 -18.27 3.70 19.15
N GLU B 13 -18.00 4.29 20.33
CA GLU B 13 -18.94 5.26 20.88
C GLU B 13 -18.88 6.59 20.14
N LEU B 14 -17.68 7.05 19.81
CA LEU B 14 -17.54 8.29 19.06
C LEU B 14 -18.04 8.17 17.63
N SER B 15 -18.16 6.95 17.10
CA SER B 15 -18.62 6.76 15.73
C SER B 15 -20.10 7.05 15.57
N LEU B 16 -20.87 7.13 16.66
CA LEU B 16 -22.29 7.46 16.54
C LEU B 16 -22.48 8.88 16.04
N ARG B 17 -21.49 9.76 16.26
CA ARG B 17 -21.54 11.12 15.74
C ARG B 17 -21.36 11.17 14.23
N LEU B 18 -20.99 10.06 13.59
CA LEU B 18 -20.72 10.09 12.16
C LEU B 18 -22.00 10.12 11.33
N LEU B 19 -23.12 9.63 11.89
CA LEU B 19 -24.36 9.57 11.12
C LEU B 19 -24.79 10.95 10.64
N THR B 20 -24.51 11.99 11.42
CA THR B 20 -24.84 13.35 11.00
C THR B 20 -23.67 14.05 10.32
N LYS B 21 -22.44 13.75 10.72
CA LYS B 21 -21.28 14.38 10.09
C LYS B 21 -21.03 13.78 8.70
N ILE B 22 -21.11 12.47 8.58
CA ILE B 22 -20.98 11.79 7.29
C ILE B 22 -22.31 11.10 7.02
N PRO B 23 -23.30 11.81 6.44
CA PRO B 23 -24.64 11.21 6.31
C PRO B 23 -24.69 10.05 5.33
N TYR B 24 -23.79 10.01 4.36
CA TYR B 24 -23.78 8.93 3.38
C TYR B 24 -23.04 7.69 3.87
N LEU B 25 -22.55 7.69 5.11
CA LEU B 25 -21.81 6.55 5.64
C LEU B 25 -22.76 5.48 6.12
N LYS B 26 -22.48 4.23 5.74
CA LYS B 26 -23.27 3.09 6.17
C LYS B 26 -22.50 2.11 7.06
N MET B 27 -21.17 2.08 6.95
CA MET B 27 -20.37 1.18 7.77
C MET B 27 -18.94 1.71 7.84
N LEU B 28 -18.33 1.58 9.02
CA LEU B 28 -16.94 1.96 9.24
C LEU B 28 -16.24 0.80 9.92
N VAL B 29 -15.15 0.31 9.32
CA VAL B 29 -14.42 -0.85 9.82
C VAL B 29 -12.96 -0.47 10.01
N LEU B 30 -12.40 -0.82 11.16
CA LEU B 30 -10.98 -0.64 11.42
C LEU B 30 -10.24 -1.95 11.15
N PHE B 31 -9.15 -1.86 10.39
CA PHE B 31 -8.33 -3.01 10.07
C PHE B 31 -6.86 -2.58 10.11
N GLY B 32 -5.98 -3.54 9.88
CA GLY B 32 -4.56 -3.27 9.92
C GLY B 32 -3.94 -3.50 11.28
N SER B 33 -2.91 -2.72 11.59
CA SER B 33 -2.16 -2.93 12.83
C SER B 33 -2.98 -2.50 14.04
N ARG B 34 -3.70 -1.38 13.93
CA ARG B 34 -4.44 -0.83 15.05
C ARG B 34 -5.47 -1.81 15.60
N ALA B 35 -6.09 -2.60 14.72
CA ALA B 35 -7.11 -3.55 15.15
C ALA B 35 -6.49 -4.72 15.90
N THR B 36 -5.62 -5.47 15.23
CA THR B 36 -5.01 -6.67 15.80
C THR B 36 -3.83 -6.30 16.70
N SER B 43 2.69 3.02 13.56
CA SER B 43 1.58 2.44 12.82
C SER B 43 0.59 3.52 12.38
N ASP B 44 -0.20 3.21 11.35
CA ASP B 44 -1.20 4.10 10.81
C ASP B 44 -2.59 3.55 11.06
N TRP B 45 -3.58 4.43 10.92
CA TRP B 45 -4.98 4.07 11.13
C TRP B 45 -5.62 3.74 9.79
N ASP B 46 -6.04 2.49 9.63
CA ASP B 46 -6.63 2.00 8.39
C ASP B 46 -8.12 1.79 8.61
N PHE B 47 -8.93 2.57 7.89
CA PHE B 47 -10.39 2.48 7.97
C PHE B 47 -10.96 2.07 6.62
N ALA B 48 -11.98 1.22 6.66
CA ALA B 48 -12.74 0.83 5.48
C ALA B 48 -14.15 1.38 5.59
N VAL B 49 -14.59 2.11 4.58
CA VAL B 49 -15.87 2.79 4.60
C VAL B 49 -16.77 2.18 3.53
N LEU B 50 -18.07 2.15 3.82
CA LEU B 50 -19.09 1.68 2.89
C LEU B 50 -20.16 2.76 2.78
N TYR B 51 -20.27 3.38 1.62
CA TYR B 51 -21.20 4.47 1.41
C TYR B 51 -22.56 3.95 0.96
N ASP B 52 -23.60 4.69 1.34
CA ASP B 52 -24.89 4.53 0.68
C ASP B 52 -24.79 5.15 -0.71
N GLU B 53 -25.01 4.32 -1.75
CA GLU B 53 -24.75 4.76 -3.12
C GLU B 53 -25.61 5.94 -3.51
N GLU B 54 -26.79 6.08 -2.90
CA GLU B 54 -27.69 7.18 -3.24
C GLU B 54 -27.23 8.50 -2.63
N LYS B 55 -26.97 8.51 -1.32
CA LYS B 55 -26.66 9.76 -0.63
C LYS B 55 -25.32 10.32 -1.07
N TYR B 56 -24.35 9.45 -1.35
CA TYR B 56 -23.02 9.91 -1.74
C TYR B 56 -23.06 10.62 -3.09
N ASN B 57 -23.87 10.12 -4.03
CA ASN B 57 -23.97 10.76 -5.34
C ASN B 57 -24.55 12.17 -5.22
N LEU B 58 -25.60 12.33 -4.41
CA LEU B 58 -26.15 13.66 -4.19
C LEU B 58 -25.22 14.53 -3.36
N TYR B 59 -24.42 13.92 -2.49
CA TYR B 59 -23.48 14.68 -1.67
C TYR B 59 -22.34 15.24 -2.49
N ILE B 60 -21.94 14.54 -3.55
CA ILE B 60 -20.80 14.96 -4.36
C ILE B 60 -21.14 16.20 -5.19
N GLN B 61 -22.43 16.46 -5.44
CA GLN B 61 -22.81 17.64 -6.21
C GLN B 61 -22.41 18.92 -5.48
N ASN B 62 -22.57 18.96 -4.15
CA ASN B 62 -22.15 20.11 -3.35
C ASN B 62 -20.76 19.92 -2.74
N ASN B 63 -20.13 18.77 -2.95
CA ASN B 63 -18.80 18.51 -2.42
C ASN B 63 -18.00 17.76 -3.48
N PRO B 64 -17.16 18.46 -4.25
CA PRO B 64 -16.43 17.81 -5.34
C PRO B 64 -15.44 16.74 -4.88
N LEU B 65 -14.97 16.81 -3.63
CA LEU B 65 -14.02 15.84 -3.11
C LEU B 65 -14.48 15.35 -1.74
N ALA B 66 -15.72 14.84 -1.68
CA ALA B 66 -16.30 14.44 -0.41
C ALA B 66 -15.60 13.20 0.16
N ALA B 67 -15.03 12.36 -0.69
CA ALA B 67 -14.36 11.15 -0.20
C ALA B 67 -13.09 11.51 0.56
N PHE B 68 -12.37 12.53 0.10
CA PHE B 68 -11.10 12.92 0.72
C PHE B 68 -11.27 13.73 1.99
N VAL B 69 -12.51 14.06 2.38
CA VAL B 69 -12.74 14.79 3.63
C VAL B 69 -13.01 13.86 4.80
N ILE B 70 -13.20 12.56 4.54
CA ILE B 70 -13.44 11.61 5.64
C ILE B 70 -12.27 11.58 6.63
N PRO B 71 -11.00 11.52 6.20
CA PRO B 71 -9.91 11.53 7.19
C PRO B 71 -9.93 12.76 8.09
N GLY B 72 -10.24 13.94 7.54
CA GLY B 72 -10.33 15.12 8.37
C GLY B 72 -11.48 15.06 9.35
N ILE B 73 -12.61 14.49 8.92
CA ILE B 73 -13.77 14.36 9.80
C ILE B 73 -13.49 13.34 10.90
N LEU B 74 -12.93 12.19 10.53
CA LEU B 74 -12.59 11.18 11.53
C LEU B 74 -11.53 11.69 12.50
N GLY B 75 -10.61 12.53 12.02
CA GLY B 75 -9.56 13.03 12.89
C GLY B 75 -10.09 13.94 13.98
N GLU B 76 -11.05 14.81 13.65
CA GLU B 76 -11.61 15.71 14.64
C GLU B 76 -12.53 14.99 15.60
N ILE B 77 -13.14 13.89 15.17
CA ILE B 77 -14.07 13.15 16.03
C ILE B 77 -13.32 12.17 16.92
N PHE B 78 -12.38 11.41 16.34
CA PHE B 78 -11.59 10.46 17.11
C PHE B 78 -10.42 11.10 17.84
N LYS B 79 -10.14 12.39 17.59
CA LYS B 79 -8.99 13.07 18.17
C LYS B 79 -7.68 12.36 17.82
N ILE B 80 -7.53 12.02 16.54
CA ILE B 80 -6.32 11.37 16.04
C ILE B 80 -5.79 12.17 14.86
N ASN B 81 -4.49 11.97 14.59
CA ASN B 81 -3.82 12.66 13.50
C ASN B 81 -4.42 12.21 12.17
N SER B 82 -5.15 13.11 11.51
CA SER B 82 -5.78 12.80 10.23
C SER B 82 -4.76 12.61 9.10
N ASP B 83 -3.50 13.02 9.30
CA ASP B 83 -2.46 12.79 8.31
C ASP B 83 -1.92 11.37 8.34
N LYS B 84 -2.35 10.54 9.29
CA LYS B 84 -1.94 9.15 9.37
C LYS B 84 -3.13 8.21 9.19
N ILE B 85 -4.16 8.66 8.47
CA ILE B 85 -5.37 7.90 8.25
C ILE B 85 -5.43 7.51 6.77
N ASP B 86 -5.54 6.21 6.51
CA ASP B 86 -5.70 5.68 5.17
C ASP B 86 -7.11 5.10 5.03
N ILE B 87 -7.84 5.55 4.02
CA ILE B 87 -9.23 5.18 3.81
C ILE B 87 -9.32 4.22 2.62
N VAL B 88 -10.14 3.18 2.77
CA VAL B 88 -10.40 2.21 1.71
C VAL B 88 -11.89 2.23 1.41
N GLU B 89 -12.24 2.53 0.15
CA GLU B 89 -13.64 2.52 -0.27
C GLU B 89 -14.05 1.09 -0.56
N LEU B 90 -14.93 0.54 0.29
CA LEU B 90 -15.44 -0.81 0.06
C LEU B 90 -16.41 -0.87 -1.11
N ASN B 91 -16.91 0.29 -1.57
CA ASN B 91 -17.83 0.31 -2.70
C ASN B 91 -17.11 -0.03 -4.00
N HIS B 92 -15.89 0.48 -4.19
CA HIS B 92 -15.12 0.27 -5.41
C HIS B 92 -13.69 -0.10 -5.03
N CYS B 93 -13.50 -1.37 -4.65
CA CYS B 93 -12.19 -1.90 -4.33
C CYS B 93 -12.08 -3.31 -4.89
N SER B 94 -10.88 -3.86 -4.79
CA SER B 94 -10.65 -5.22 -5.29
C SER B 94 -11.33 -6.24 -4.39
N LYS B 95 -11.59 -7.43 -4.94
CA LYS B 95 -12.18 -8.47 -4.12
C LYS B 95 -11.20 -8.97 -3.06
N LEU B 96 -9.90 -8.78 -3.30
CA LEU B 96 -8.89 -9.22 -2.34
C LEU B 96 -8.89 -8.32 -1.10
N ILE B 97 -8.96 -7.00 -1.29
CA ILE B 97 -8.98 -6.10 -0.14
C ILE B 97 -10.23 -6.30 0.70
N ALA B 98 -11.38 -6.50 0.04
CA ALA B 98 -12.61 -6.70 0.79
C ALA B 98 -12.57 -7.98 1.61
N HIS B 99 -11.84 -8.98 1.14
CA HIS B 99 -11.73 -10.24 1.86
C HIS B 99 -11.03 -10.05 3.20
N PHE B 100 -9.87 -9.39 3.18
CA PHE B 100 -9.10 -9.22 4.42
C PHE B 100 -9.74 -8.21 5.36
N VAL B 101 -10.47 -7.23 4.81
CA VAL B 101 -11.22 -6.32 5.67
C VAL B 101 -12.33 -7.07 6.40
N ALA B 102 -13.01 -7.99 5.71
CA ALA B 102 -14.05 -8.78 6.36
C ALA B 102 -13.47 -9.80 7.32
N ARG B 103 -12.26 -10.30 7.03
CA ARG B 103 -11.67 -11.36 7.86
C ARG B 103 -11.06 -10.80 9.14
N ASP B 104 -10.29 -9.71 9.04
CA ASP B 104 -9.55 -9.19 10.17
C ASP B 104 -10.08 -7.85 10.68
N GLY B 105 -11.08 -7.27 10.02
CA GLY B 105 -11.55 -5.96 10.41
C GLY B 105 -12.42 -5.99 11.65
N LYS B 106 -12.38 -4.88 12.38
CA LYS B 106 -13.21 -4.67 13.57
C LYS B 106 -14.15 -3.51 13.27
N VAL B 107 -15.46 -3.79 13.22
CA VAL B 107 -16.42 -2.79 12.80
C VAL B 107 -16.58 -1.73 13.90
N LEU B 108 -16.56 -0.46 13.51
CA LEU B 108 -16.75 0.66 14.42
C LEU B 108 -18.11 1.31 14.31
N TYR B 109 -18.65 1.43 13.10
CA TYR B 109 -19.98 1.99 12.87
C TYR B 109 -20.74 1.04 11.95
N GLU B 110 -22.04 0.90 12.19
CA GLU B 110 -22.81 -0.11 11.47
C GLU B 110 -24.28 0.28 11.49
N GLU B 111 -24.85 0.51 10.29
CA GLU B 111 -26.28 0.74 10.13
C GLU B 111 -26.76 0.00 8.89
N PRO B 112 -27.64 -1.01 9.03
CA PRO B 112 -28.23 -1.49 10.28
C PRO B 112 -27.24 -2.27 11.15
N GLY B 113 -27.73 -2.82 12.26
CA GLY B 113 -26.91 -3.58 13.19
C GLY B 113 -26.32 -4.88 12.65
N ASP B 114 -26.69 -5.29 11.43
CA ASP B 114 -26.15 -6.50 10.84
C ASP B 114 -25.46 -6.25 9.50
N GLU B 115 -25.03 -5.00 9.25
CA GLU B 115 -24.41 -4.69 7.97
C GLU B 115 -23.06 -5.38 7.82
N PHE B 116 -22.31 -5.53 8.91
CA PHE B 116 -21.00 -6.16 8.82
C PHE B 116 -21.12 -7.66 8.52
N ASP B 117 -22.18 -8.30 9.03
CA ASP B 117 -22.41 -9.71 8.72
C ASP B 117 -22.79 -9.88 7.25
N LYS B 118 -23.69 -9.03 6.74
CA LYS B 118 -24.03 -9.10 5.33
C LYS B 118 -22.84 -8.76 4.44
N PHE B 119 -21.91 -7.95 4.95
CA PHE B 119 -20.70 -7.65 4.20
C PHE B 119 -19.77 -8.85 4.16
N GLN B 120 -19.57 -9.50 5.31
CA GLN B 120 -18.68 -10.66 5.37
C GLN B 120 -19.19 -11.80 4.50
N GLN B 121 -20.50 -12.08 4.56
CA GLN B 121 -21.07 -13.14 3.74
C GLN B 121 -20.95 -12.85 2.25
N ARG B 122 -20.82 -11.57 1.89
CA ARG B 122 -20.81 -11.17 0.49
C ARG B 122 -19.41 -11.16 -0.12
N VAL B 123 -18.37 -10.90 0.66
CA VAL B 123 -17.04 -10.67 0.12
C VAL B 123 -16.01 -11.70 0.58
N LEU B 124 -16.32 -12.57 1.54
CA LEU B 124 -15.34 -13.53 2.02
C LEU B 124 -15.03 -14.57 0.95
N LEU B 125 -13.74 -14.79 0.71
CA LEU B 125 -13.27 -15.74 -0.29
C LEU B 125 -12.90 -17.06 0.39
N SER B 126 -13.06 -18.15 -0.36
CA SER B 126 -12.64 -19.45 0.13
C SER B 126 -11.13 -19.62 -0.06
N ASN B 127 -10.58 -20.64 0.59
CA ASN B 127 -9.15 -20.91 0.44
C ASN B 127 -8.80 -21.26 -1.01
N THR B 128 -9.69 -21.97 -1.70
CA THR B 128 -9.44 -22.33 -3.09
C THR B 128 -9.43 -21.10 -3.98
N GLU B 129 -10.33 -20.15 -3.73
CA GLU B 129 -10.37 -18.92 -4.53
C GLU B 129 -9.11 -18.11 -4.36
N ILE B 130 -8.58 -18.05 -3.14
CA ILE B 130 -7.34 -17.33 -2.90
C ILE B 130 -6.16 -18.04 -3.56
N LYS B 131 -6.17 -19.38 -3.54
CA LYS B 131 -5.10 -20.13 -4.19
C LYS B 131 -5.07 -19.85 -5.69
N LYS B 132 -6.26 -19.74 -6.31
CA LYS B 132 -6.31 -19.42 -7.73
C LYS B 132 -5.77 -18.01 -8.00
N ILE B 133 -6.05 -17.07 -7.11
CA ILE B 133 -5.49 -15.73 -7.24
C ILE B 133 -3.97 -15.77 -7.08
N GLU B 134 -3.48 -16.56 -6.12
CA GLU B 134 -2.04 -16.68 -5.92
C GLU B 134 -1.36 -17.26 -7.16
N LYS B 135 -1.97 -18.25 -7.79
CA LYS B 135 -1.35 -18.87 -8.97
C LYS B 135 -1.22 -17.88 -10.11
N THR B 136 -2.26 -17.06 -10.33
CA THR B 136 -2.21 -16.08 -11.40
C THR B 136 -1.13 -15.02 -11.15
N LYS B 137 -1.03 -14.53 -9.93
CA LYS B 137 -0.03 -13.52 -9.63
C LYS B 137 1.38 -14.09 -9.64
N LEU B 138 1.55 -15.35 -9.19
CA LEU B 138 2.87 -15.97 -9.26
C LEU B 138 3.31 -16.18 -10.71
N GLU B 139 2.37 -16.55 -11.58
CA GLU B 139 2.70 -16.65 -13.00
C GLU B 139 3.08 -15.28 -13.59
N ASN B 140 2.38 -14.23 -13.14
CA ASN B 140 2.69 -12.89 -13.62
C ASN B 140 4.09 -12.46 -13.15
N ILE B 141 4.41 -12.76 -11.90
CA ILE B 141 5.74 -12.43 -11.37
C ILE B 141 6.82 -13.21 -12.09
N GLU B 142 6.60 -14.52 -12.31
CA GLU B 142 7.59 -15.34 -12.99
C GLU B 142 7.80 -14.87 -14.43
N ASN B 143 6.72 -14.44 -15.09
CA ASN B 143 6.86 -13.91 -16.45
C ASN B 143 7.67 -12.63 -16.46
N PHE B 144 7.45 -11.76 -15.47
CA PHE B 144 8.26 -10.55 -15.34
C PHE B 144 9.74 -10.91 -15.19
N LEU B 145 10.04 -11.87 -14.32
CA LEU B 145 11.43 -12.24 -14.08
C LEU B 145 12.08 -12.80 -15.34
N GLN B 146 11.33 -13.56 -16.13
CA GLN B 146 11.88 -14.11 -17.37
C GLN B 146 12.14 -13.01 -18.40
N ARG B 147 11.22 -12.05 -18.53
CA ARG B 147 11.40 -10.99 -19.51
C ARG B 147 12.60 -10.12 -19.17
N TRP B 148 12.81 -9.86 -17.88
CA TRP B 148 13.90 -8.99 -17.43
C TRP B 148 15.22 -9.73 -17.25
N GLY B 149 15.25 -11.05 -17.46
CA GLY B 149 16.50 -11.77 -17.41
C GLY B 149 17.14 -11.81 -16.03
N VAL B 150 16.33 -11.76 -14.98
CA VAL B 150 16.84 -11.89 -13.62
C VAL B 150 16.23 -13.11 -12.96
#